data_1UM6
#
_entry.id   1UM6
#
_cell.length_a   46.508
_cell.length_b   60.728
_cell.length_c   139.031
_cell.angle_alpha   90.00
_cell.angle_beta   90.00
_cell.angle_gamma   90.00
#
_symmetry.space_group_name_H-M   'P 21 21 21'
#
loop_
_entity.id
_entity.type
_entity.pdbx_description
1 polymer 'antibody 21h3, L chain'
2 polymer 'antibody 21h3, H chain'
3 water water
#
loop_
_entity_poly.entity_id
_entity_poly.type
_entity_poly.pdbx_seq_one_letter_code
_entity_poly.pdbx_strand_id
1 'polypeptide(L)'
;LDIQMTQSPSSLSASLGERVSLTCRASQEISGYLYWLQQKPDGTIKRLIYAGSTLDSGVPKRFSGSRSGSDYSLTISSLE
SEDFADYYCLQYASYPRTFGGGTKVEIKRTVAAPSVFIFPPSDEQLKSGTASVVCLLNNFYPREAKVQWKVDNALQSGNS
QESVTEQDSKDSTYSLSSTLTLSKADYEKHKVYACEVTHQGLSSPVTKSFNRGECGAGA
;
L
2 'polypeptide(L)'
;VQLQQSGPVLVKPGGSVKMSCKASEYTLTSYLFQWVKQKSGQGLEWIGYIYPYNGGTRYNEKFRGKATLTSDKSSNTAYL
ELSSLTSEDSAVYYCARSSMSDPGANWGPGTLVTVSSASTKGPSVFPLAPSSKSTSGGTAALGCLVKDYFPEPVTVSWNS
GALTSGVHTFPAVLQSSGLYSLSSVVTVPSSSLGTQTYICNVNHKPSNTKVDKKVEP
;
H
#
# COMPACT_ATOMS: atom_id res chain seq x y z
N LEU A 1 33.78 6.40 -8.34
CA LEU A 1 33.39 4.97 -8.16
C LEU A 1 31.88 4.82 -8.20
N ASP A 2 31.31 4.18 -7.17
CA ASP A 2 29.87 3.96 -7.09
C ASP A 2 29.37 3.12 -8.25
N ILE A 3 29.07 1.86 -7.96
CA ILE A 3 28.59 0.95 -8.98
C ILE A 3 27.15 1.28 -9.35
N GLN A 4 26.91 1.54 -10.65
CA GLN A 4 25.59 1.89 -11.13
C GLN A 4 24.84 0.64 -11.58
N MET A 5 23.59 0.50 -11.12
CA MET A 5 22.75 -0.63 -11.48
C MET A 5 21.66 -0.16 -12.44
N THR A 6 21.79 -0.56 -13.70
CA THR A 6 20.83 -0.17 -14.71
C THR A 6 19.81 -1.29 -14.91
N GLN A 7 18.59 -1.04 -14.46
CA GLN A 7 17.51 -2.02 -14.54
C GLN A 7 16.51 -1.69 -15.64
N SER A 8 16.06 -2.70 -16.34
CA SER A 8 15.08 -2.53 -17.41
C SER A 8 14.25 -3.80 -17.58
N PRO A 9 12.98 -3.64 -17.99
CA PRO A 9 12.38 -2.34 -18.30
C PRO A 9 11.83 -1.69 -17.02
N SER A 10 11.51 -0.40 -17.10
CA SER A 10 10.96 0.32 -15.96
C SER A 10 9.55 -0.21 -15.66
N SER A 11 8.81 -0.47 -16.73
CA SER A 11 7.44 -1.00 -16.59
C SER A 11 7.29 -2.19 -17.53
N LEU A 12 6.61 -3.23 -17.05
CA LEU A 12 6.43 -4.44 -17.84
C LEU A 12 5.00 -4.93 -17.76
N SER A 13 4.42 -5.23 -18.92
CA SER A 13 3.05 -5.72 -19.00
C SER A 13 3.06 -7.12 -19.61
N ALA A 14 2.21 -8.01 -19.09
CA ALA A 14 2.17 -9.37 -19.59
C ALA A 14 0.91 -10.13 -19.20
N SER A 15 0.49 -11.06 -20.05
CA SER A 15 -0.67 -11.89 -19.79
C SER A 15 -0.37 -12.85 -18.66
N LEU A 16 -1.39 -13.19 -17.88
CA LEU A 16 -1.22 -14.14 -16.80
C LEU A 16 -0.67 -15.45 -17.38
N GLY A 17 0.17 -16.12 -16.61
CA GLY A 17 0.73 -17.38 -17.05
C GLY A 17 1.94 -17.32 -17.95
N GLU A 18 2.29 -16.13 -18.42
CA GLU A 18 3.45 -16.00 -19.29
C GLU A 18 4.76 -15.96 -18.51
N ARG A 19 5.87 -16.13 -19.21
CA ARG A 19 7.18 -16.08 -18.60
C ARG A 19 7.75 -14.71 -18.90
N VAL A 20 8.22 -14.03 -17.87
CA VAL A 20 8.75 -12.69 -18.06
C VAL A 20 10.15 -12.56 -17.47
N SER A 21 10.93 -11.63 -17.98
CA SER A 21 12.28 -11.42 -17.49
C SER A 21 12.66 -9.96 -17.33
N LEU A 22 13.40 -9.69 -16.26
CA LEU A 22 13.86 -8.34 -15.93
C LEU A 22 15.39 -8.35 -15.97
N THR A 23 15.98 -7.29 -16.51
CA THR A 23 17.42 -7.22 -16.61
C THR A 23 18.02 -6.09 -15.77
N CYS A 24 19.22 -6.34 -15.26
CA CYS A 24 19.94 -5.38 -14.42
C CYS A 24 21.39 -5.40 -14.90
N ARG A 25 21.88 -4.26 -15.37
CA ARG A 25 23.25 -4.17 -15.86
C ARG A 25 24.15 -3.43 -14.88
N ALA A 26 25.27 -4.07 -14.52
CA ALA A 26 26.22 -3.48 -13.58
C ALA A 26 27.32 -2.73 -14.32
N SER A 27 27.63 -1.52 -13.87
CA SER A 27 28.65 -0.69 -14.49
C SER A 27 30.05 -1.19 -14.14
N GLN A 28 30.12 -2.09 -13.15
CA GLN A 28 31.39 -2.64 -12.72
C GLN A 28 31.21 -4.10 -12.36
N GLU A 29 32.32 -4.83 -12.28
CA GLU A 29 32.28 -6.23 -11.92
C GLU A 29 31.74 -6.35 -10.49
N ILE A 30 30.76 -7.23 -10.30
CA ILE A 30 30.18 -7.43 -8.97
C ILE A 30 30.30 -8.90 -8.55
N SER A 31 30.96 -9.69 -9.39
CA SER A 31 31.21 -11.10 -9.10
C SER A 31 30.02 -11.94 -8.63
N GLY A 32 28.85 -11.72 -9.22
CA GLY A 32 27.68 -12.48 -8.86
C GLY A 32 27.03 -12.05 -7.56
N TYR A 33 27.57 -11.01 -6.94
CA TYR A 33 26.97 -10.53 -5.70
C TYR A 33 25.80 -9.61 -6.01
N LEU A 34 24.82 -10.19 -6.71
CA LEU A 34 23.63 -9.46 -7.09
C LEU A 34 22.43 -10.07 -6.37
N TYR A 35 21.53 -9.20 -5.94
CA TYR A 35 20.36 -9.54 -5.17
C TYR A 35 19.07 -9.08 -5.86
N TRP A 36 18.02 -9.91 -5.81
CA TRP A 36 16.73 -9.51 -6.40
C TRP A 36 15.69 -9.52 -5.29
N LEU A 37 14.88 -8.47 -5.23
CA LEU A 37 13.84 -8.38 -4.20
C LEU A 37 12.49 -7.98 -4.78
N GLN A 38 11.43 -8.33 -4.05
CA GLN A 38 10.08 -8.01 -4.46
C GLN A 38 9.43 -7.11 -3.42
N GLN A 39 8.77 -6.05 -3.87
CA GLN A 39 8.06 -5.15 -2.96
C GLN A 39 6.59 -5.14 -3.34
N LYS A 40 5.77 -5.76 -2.50
CA LYS A 40 4.35 -5.81 -2.75
C LYS A 40 3.71 -4.46 -2.45
N PRO A 41 2.51 -4.21 -3.00
CA PRO A 41 1.78 -2.96 -2.80
C PRO A 41 1.64 -2.50 -1.34
N ASP A 42 1.54 -3.44 -0.40
CA ASP A 42 1.39 -3.07 1.00
C ASP A 42 2.73 -2.74 1.65
N GLY A 43 3.77 -2.63 0.83
CA GLY A 43 5.09 -2.29 1.32
C GLY A 43 6.03 -3.45 1.65
N THR A 44 5.48 -4.64 1.84
CA THR A 44 6.30 -5.81 2.17
C THR A 44 7.42 -6.06 1.15
N ILE A 45 8.64 -6.19 1.67
CA ILE A 45 9.82 -6.47 0.83
C ILE A 45 10.35 -7.84 1.23
N LYS A 46 10.69 -8.67 0.24
CA LYS A 46 11.23 -9.99 0.53
C LYS A 46 12.34 -10.34 -0.46
N ARG A 47 13.32 -11.10 0.03
CA ARG A 47 14.43 -11.52 -0.80
C ARG A 47 13.93 -12.60 -1.76
N LEU A 48 14.30 -12.48 -3.03
CA LEU A 48 13.90 -13.46 -4.02
C LEU A 48 15.11 -14.31 -4.39
N ILE A 49 16.16 -13.60 -4.82
CA ILE A 49 17.39 -14.24 -5.25
C ILE A 49 18.62 -13.51 -4.70
N TYR A 50 19.68 -14.27 -4.44
CA TYR A 50 20.93 -13.71 -3.97
C TYR A 50 22.06 -14.54 -4.57
N ALA A 51 23.24 -13.94 -4.66
CA ALA A 51 24.38 -14.63 -5.26
C ALA A 51 24.05 -14.83 -6.74
N GLY A 52 23.32 -13.87 -7.31
CA GLY A 52 22.95 -13.92 -8.71
C GLY A 52 21.95 -14.97 -9.16
N SER A 53 22.06 -16.20 -8.64
CA SER A 53 21.13 -17.24 -9.07
C SER A 53 20.60 -18.16 -7.97
N THR A 54 20.95 -17.89 -6.72
CA THR A 54 20.46 -18.73 -5.63
C THR A 54 19.07 -18.29 -5.19
N LEU A 55 18.14 -19.24 -5.17
CA LEU A 55 16.75 -18.96 -4.80
C LEU A 55 16.51 -19.02 -3.29
N ASP A 56 15.83 -18.00 -2.77
CA ASP A 56 15.51 -17.96 -1.34
C ASP A 56 14.64 -19.21 -1.07
N SER A 57 14.92 -19.89 0.04
CA SER A 57 14.18 -21.11 0.39
C SER A 57 12.67 -20.93 0.51
N GLY A 58 12.23 -19.73 0.86
CA GLY A 58 10.81 -19.49 1.02
C GLY A 58 10.07 -19.05 -0.23
N VAL A 59 10.81 -18.84 -1.32
CA VAL A 59 10.25 -18.38 -2.58
C VAL A 59 10.00 -19.54 -3.55
N PRO A 60 8.85 -19.50 -4.27
CA PRO A 60 8.50 -20.55 -5.24
C PRO A 60 9.45 -20.69 -6.42
N LYS A 61 9.54 -21.92 -6.92
CA LYS A 61 10.40 -22.26 -8.05
C LYS A 61 10.16 -21.43 -9.31
N ARG A 62 9.05 -20.70 -9.35
CA ARG A 62 8.73 -19.88 -10.53
C ARG A 62 9.77 -18.79 -10.75
N PHE A 63 10.43 -18.37 -9.67
CA PHE A 63 11.45 -17.32 -9.75
C PHE A 63 12.83 -17.92 -10.01
N SER A 64 13.54 -17.32 -10.97
CA SER A 64 14.86 -17.78 -11.35
C SER A 64 15.78 -16.59 -11.57
N GLY A 65 17.07 -16.81 -11.33
CA GLY A 65 18.06 -15.76 -11.52
C GLY A 65 19.23 -16.24 -12.36
N SER A 66 19.77 -15.37 -13.21
CA SER A 66 20.88 -15.76 -14.06
C SER A 66 21.83 -14.59 -14.35
N ARG A 67 22.99 -14.91 -14.92
CA ARG A 67 23.97 -13.89 -15.25
C ARG A 67 24.63 -14.14 -16.62
N SER A 68 24.82 -13.07 -17.38
CA SER A 68 25.45 -13.16 -18.69
C SER A 68 26.40 -11.96 -18.80
N GLY A 69 27.63 -12.14 -18.38
CA GLY A 69 28.60 -11.06 -18.42
C GLY A 69 28.30 -10.07 -17.30
N SER A 70 27.96 -8.85 -17.66
CA SER A 70 27.63 -7.82 -16.68
C SER A 70 26.12 -7.68 -16.60
N ASP A 71 25.43 -8.56 -17.30
CA ASP A 71 23.97 -8.57 -17.32
C ASP A 71 23.44 -9.62 -16.36
N TYR A 72 22.51 -9.21 -15.52
CA TYR A 72 21.89 -10.12 -14.56
C TYR A 72 20.40 -10.04 -14.82
N SER A 73 19.73 -11.18 -14.80
CA SER A 73 18.30 -11.19 -15.06
C SER A 73 17.48 -12.01 -14.08
N LEU A 74 16.28 -11.53 -13.81
CA LEU A 74 15.35 -12.21 -12.92
C LEU A 74 14.24 -12.69 -13.84
N THR A 75 13.93 -13.98 -13.77
CA THR A 75 12.90 -14.55 -14.61
C THR A 75 11.80 -15.19 -13.78
N ILE A 76 10.56 -14.80 -14.09
CA ILE A 76 9.37 -15.33 -13.46
C ILE A 76 8.74 -16.17 -14.57
N SER A 77 8.86 -17.49 -14.46
CA SER A 77 8.36 -18.40 -15.48
C SER A 77 6.86 -18.35 -15.77
N SER A 78 6.04 -18.34 -14.72
CA SER A 78 4.60 -18.32 -14.87
C SER A 78 3.99 -17.20 -14.04
N LEU A 79 3.66 -16.09 -14.68
CA LEU A 79 3.07 -14.96 -13.98
C LEU A 79 1.76 -15.30 -13.26
N GLU A 80 1.65 -14.89 -12.01
CA GLU A 80 0.44 -15.12 -11.23
C GLU A 80 -0.03 -13.76 -10.73
N SER A 81 -1.32 -13.64 -10.40
CA SER A 81 -1.84 -12.37 -9.90
C SER A 81 -1.04 -11.89 -8.69
N GLU A 82 -0.63 -12.84 -7.85
CA GLU A 82 0.14 -12.54 -6.64
C GLU A 82 1.50 -11.93 -6.97
N ASP A 83 1.90 -11.95 -8.24
CA ASP A 83 3.19 -11.40 -8.61
C ASP A 83 3.17 -9.92 -8.90
N PHE A 84 1.98 -9.32 -8.88
CA PHE A 84 1.87 -7.88 -9.12
C PHE A 84 2.66 -7.18 -8.02
N ALA A 85 3.70 -6.45 -8.40
CA ALA A 85 4.52 -5.75 -7.42
C ALA A 85 5.68 -5.07 -8.13
N ASP A 86 6.51 -4.37 -7.37
CA ASP A 86 7.68 -3.73 -7.94
C ASP A 86 8.87 -4.60 -7.60
N TYR A 87 9.78 -4.73 -8.55
CA TYR A 87 10.98 -5.54 -8.36
C TYR A 87 12.23 -4.70 -8.50
N TYR A 88 13.21 -4.95 -7.63
CA TYR A 88 14.46 -4.20 -7.64
C TYR A 88 15.68 -5.10 -7.53
N CYS A 89 16.76 -4.70 -8.20
CA CYS A 89 18.01 -5.43 -8.07
C CYS A 89 18.88 -4.59 -7.13
N LEU A 90 19.85 -5.25 -6.49
CA LEU A 90 20.75 -4.61 -5.54
C LEU A 90 22.11 -5.29 -5.58
N GLN A 91 23.20 -4.54 -5.79
CA GLN A 91 24.50 -5.17 -5.77
C GLN A 91 25.10 -5.03 -4.39
N TYR A 92 25.78 -6.07 -3.92
CA TYR A 92 26.39 -6.01 -2.60
C TYR A 92 27.87 -6.42 -2.66
N ALA A 93 28.50 -6.13 -3.80
CA ALA A 93 29.92 -6.43 -3.99
C ALA A 93 30.74 -5.35 -3.28
N SER A 94 30.20 -4.13 -3.24
CA SER A 94 30.89 -3.03 -2.59
C SER A 94 29.95 -1.95 -2.06
N TYR A 95 30.52 -1.00 -1.32
CA TYR A 95 29.76 0.10 -0.76
C TYR A 95 30.11 1.36 -1.56
N PRO A 96 29.15 2.27 -1.73
CA PRO A 96 27.77 2.19 -1.22
C PRO A 96 26.92 1.15 -1.91
N ARG A 97 25.94 0.60 -1.17
CA ARG A 97 25.04 -0.39 -1.75
C ARG A 97 24.18 0.41 -2.72
N THR A 98 23.94 -0.14 -3.90
CA THR A 98 23.16 0.56 -4.90
C THR A 98 22.04 -0.30 -5.49
N PHE A 99 20.89 0.32 -5.74
CA PHE A 99 19.73 -0.38 -6.29
C PHE A 99 19.45 0.00 -7.74
N GLY A 100 18.76 -0.90 -8.44
CA GLY A 100 18.36 -0.61 -9.80
C GLY A 100 17.15 0.31 -9.65
N GLY A 101 16.75 0.98 -10.73
CA GLY A 101 15.63 1.89 -10.67
C GLY A 101 14.29 1.23 -10.40
N GLY A 102 14.23 -0.09 -10.54
CA GLY A 102 13.00 -0.82 -10.32
C GLY A 102 12.17 -1.17 -11.55
N THR A 103 11.36 -2.21 -11.44
CA THR A 103 10.48 -2.63 -12.52
C THR A 103 9.10 -2.83 -11.93
N LYS A 104 8.11 -2.20 -12.55
CA LYS A 104 6.73 -2.35 -12.09
C LYS A 104 6.08 -3.35 -13.05
N VAL A 105 5.48 -4.41 -12.50
CA VAL A 105 4.85 -5.43 -13.31
C VAL A 105 3.34 -5.21 -13.41
N GLU A 106 2.85 -5.10 -14.64
CA GLU A 106 1.42 -4.91 -14.90
C GLU A 106 0.88 -6.22 -15.47
N ILE A 107 -0.27 -6.66 -14.98
CA ILE A 107 -0.85 -7.92 -15.42
C ILE A 107 -2.02 -7.76 -16.36
N LYS A 108 -1.92 -8.37 -17.54
CA LYS A 108 -2.99 -8.32 -18.53
C LYS A 108 -3.93 -9.51 -18.29
N ARG A 109 -5.22 -9.26 -18.30
CA ARG A 109 -6.20 -10.31 -18.09
C ARG A 109 -7.45 -10.05 -18.94
N THR A 110 -8.40 -10.97 -18.90
CA THR A 110 -9.62 -10.82 -19.67
C THR A 110 -10.46 -9.67 -19.12
N VAL A 111 -11.24 -9.03 -20.00
CA VAL A 111 -12.09 -7.93 -19.62
C VAL A 111 -13.13 -8.36 -18.60
N ALA A 112 -13.40 -7.49 -17.64
CA ALA A 112 -14.39 -7.77 -16.60
C ALA A 112 -15.17 -6.50 -16.34
N ALA A 113 -16.49 -6.60 -16.52
CA ALA A 113 -17.36 -5.46 -16.29
C ALA A 113 -17.41 -5.26 -14.79
N PRO A 114 -17.49 -4.00 -14.33
CA PRO A 114 -17.54 -3.77 -12.88
C PRO A 114 -18.95 -3.96 -12.32
N SER A 115 -19.02 -4.26 -11.02
CA SER A 115 -20.30 -4.33 -10.35
C SER A 115 -20.35 -2.93 -9.76
N VAL A 116 -21.47 -2.24 -9.91
CA VAL A 116 -21.60 -0.89 -9.40
C VAL A 116 -22.55 -0.82 -8.22
N PHE A 117 -22.08 -0.20 -7.14
CA PHE A 117 -22.85 -0.07 -5.92
C PHE A 117 -22.79 1.38 -5.44
N ILE A 118 -23.79 1.81 -4.69
CA ILE A 118 -23.80 3.16 -4.18
C ILE A 118 -24.17 3.13 -2.70
N PHE A 119 -23.51 3.99 -1.92
CA PHE A 119 -23.71 4.08 -0.48
C PHE A 119 -24.09 5.48 -0.04
N PRO A 120 -25.23 5.62 0.64
CA PRO A 120 -25.66 6.94 1.12
C PRO A 120 -24.81 7.26 2.33
N PRO A 121 -24.76 8.54 2.73
CA PRO A 121 -23.95 8.89 3.91
C PRO A 121 -24.60 8.24 5.13
N SER A 122 -23.81 7.94 6.15
CA SER A 122 -24.35 7.32 7.36
C SER A 122 -24.95 8.43 8.25
N ASP A 123 -25.91 8.06 9.07
CA ASP A 123 -26.51 9.04 9.97
C ASP A 123 -25.42 9.59 10.90
N GLU A 124 -24.47 8.74 11.26
CA GLU A 124 -23.39 9.13 12.14
C GLU A 124 -22.57 10.28 11.55
N GLN A 125 -22.26 10.20 10.26
CA GLN A 125 -21.49 11.28 9.65
C GLN A 125 -22.35 12.55 9.57
N LEU A 126 -23.62 12.39 9.21
CA LEU A 126 -24.52 13.54 9.11
C LEU A 126 -24.53 14.32 10.41
N LYS A 127 -24.59 13.60 11.53
CA LYS A 127 -24.57 14.25 12.85
C LYS A 127 -23.33 15.14 12.97
N SER A 128 -22.25 14.71 12.32
CA SER A 128 -21.00 15.47 12.35
C SER A 128 -21.11 16.76 11.55
N GLY A 129 -22.02 16.79 10.58
CA GLY A 129 -22.20 17.97 9.77
C GLY A 129 -21.73 17.84 8.33
N THR A 130 -21.35 16.63 7.93
CA THR A 130 -20.88 16.39 6.58
C THR A 130 -21.56 15.20 5.95
N ALA A 131 -21.46 15.09 4.63
CA ALA A 131 -22.08 14.00 3.91
C ALA A 131 -21.19 13.50 2.78
N SER A 132 -20.85 12.23 2.84
CA SER A 132 -20.03 11.61 1.80
C SER A 132 -20.88 10.54 1.15
N VAL A 133 -21.05 10.65 -0.16
CA VAL A 133 -21.82 9.67 -0.92
C VAL A 133 -20.77 8.89 -1.71
N VAL A 134 -20.76 7.57 -1.53
CA VAL A 134 -19.75 6.75 -2.20
C VAL A 134 -20.29 5.83 -3.29
N CYS A 135 -19.65 5.88 -4.45
CA CYS A 135 -20.00 5.03 -5.56
C CYS A 135 -18.83 4.08 -5.69
N LEU A 136 -19.12 2.79 -5.76
CA LEU A 136 -18.07 1.79 -5.89
C LEU A 136 -18.16 1.00 -7.18
N LEU A 137 -17.04 0.95 -7.89
CA LEU A 137 -16.90 0.18 -9.12
C LEU A 137 -16.02 -0.97 -8.64
N ASN A 138 -16.57 -2.16 -8.60
CA ASN A 138 -15.84 -3.31 -8.10
C ASN A 138 -15.39 -4.36 -9.11
N ASN A 139 -14.15 -4.81 -8.95
CA ASN A 139 -13.54 -5.87 -9.76
C ASN A 139 -13.64 -5.79 -11.28
N PHE A 140 -13.17 -4.69 -11.86
CA PHE A 140 -13.22 -4.53 -13.31
C PHE A 140 -11.84 -4.56 -13.96
N TYR A 141 -11.84 -4.64 -15.29
CA TYR A 141 -10.60 -4.63 -16.06
C TYR A 141 -11.01 -4.34 -17.50
N PRO A 142 -10.28 -3.45 -18.19
CA PRO A 142 -9.10 -2.66 -17.79
C PRO A 142 -9.39 -1.48 -16.86
N ARG A 143 -8.33 -0.74 -16.55
CA ARG A 143 -8.37 0.41 -15.66
C ARG A 143 -9.30 1.52 -16.15
N GLU A 144 -9.33 1.74 -17.46
CA GLU A 144 -10.17 2.79 -18.05
C GLU A 144 -11.62 2.75 -17.58
N ALA A 145 -12.05 3.82 -16.93
CA ALA A 145 -13.43 3.91 -16.43
C ALA A 145 -13.83 5.38 -16.24
N LYS A 146 -15.09 5.69 -16.54
CA LYS A 146 -15.60 7.04 -16.37
C LYS A 146 -16.78 7.03 -15.41
N VAL A 147 -16.75 7.92 -14.42
CA VAL A 147 -17.83 8.00 -13.44
C VAL A 147 -18.36 9.43 -13.37
N GLN A 148 -19.66 9.59 -13.55
CA GLN A 148 -20.27 10.92 -13.50
C GLN A 148 -21.38 10.98 -12.44
N TRP A 149 -21.46 12.10 -11.75
CA TRP A 149 -22.48 12.28 -10.72
C TRP A 149 -23.61 13.21 -11.16
N LYS A 150 -24.85 12.80 -10.84
CA LYS A 150 -26.02 13.61 -11.13
C LYS A 150 -26.85 13.69 -9.86
N VAL A 151 -27.17 14.91 -9.43
CA VAL A 151 -27.99 15.12 -8.23
C VAL A 151 -29.26 15.78 -8.74
N ASP A 152 -30.39 15.08 -8.59
CA ASP A 152 -31.68 15.55 -9.06
C ASP A 152 -31.57 15.96 -10.52
N ASN A 153 -30.99 15.04 -11.30
CA ASN A 153 -30.76 15.14 -12.74
C ASN A 153 -29.77 16.19 -13.21
N ALA A 154 -29.11 16.88 -12.28
CA ALA A 154 -28.13 17.89 -12.65
C ALA A 154 -26.70 17.35 -12.59
N LEU A 155 -25.96 17.48 -13.69
CA LEU A 155 -24.58 17.01 -13.73
C LEU A 155 -23.73 17.75 -12.70
N GLN A 156 -23.00 16.99 -11.91
CA GLN A 156 -22.14 17.54 -10.86
C GLN A 156 -20.73 17.79 -11.38
N SER A 157 -20.04 18.76 -10.77
CA SER A 157 -18.67 19.07 -11.17
C SER A 157 -17.83 19.70 -10.06
N GLY A 158 -16.66 19.12 -9.83
CA GLY A 158 -15.75 19.65 -8.82
C GLY A 158 -15.97 19.26 -7.37
N ASN A 159 -16.92 18.39 -7.08
CA ASN A 159 -17.19 18.00 -5.70
C ASN A 159 -17.05 16.51 -5.43
N SER A 160 -16.21 15.86 -6.23
CA SER A 160 -15.98 14.43 -6.05
C SER A 160 -14.52 14.10 -6.34
N GLN A 161 -14.05 13.03 -5.75
CA GLN A 161 -12.67 12.58 -5.95
C GLN A 161 -12.70 11.07 -6.09
N GLU A 162 -11.89 10.52 -6.98
CA GLU A 162 -11.86 9.07 -7.12
C GLU A 162 -10.54 8.46 -6.71
N SER A 163 -10.60 7.22 -6.24
CA SER A 163 -9.41 6.52 -5.81
C SER A 163 -9.45 5.13 -6.43
N VAL A 164 -8.29 4.62 -6.81
CA VAL A 164 -8.26 3.30 -7.43
C VAL A 164 -7.26 2.39 -6.74
N THR A 165 -7.65 1.14 -6.54
CA THR A 165 -6.76 0.19 -5.90
C THR A 165 -5.77 -0.30 -6.96
N GLU A 166 -4.72 -0.98 -6.50
CA GLU A 166 -3.75 -1.57 -7.41
C GLU A 166 -4.42 -2.85 -7.90
N GLN A 167 -3.85 -3.51 -8.91
CA GLN A 167 -4.46 -4.76 -9.37
C GLN A 167 -4.52 -5.75 -8.21
N ASP A 168 -5.67 -6.39 -8.07
CA ASP A 168 -5.93 -7.36 -7.00
C ASP A 168 -4.93 -8.51 -6.99
N SER A 169 -4.46 -8.87 -5.79
CA SER A 169 -3.49 -9.95 -5.66
C SER A 169 -4.06 -11.32 -6.00
N LYS A 170 -5.39 -11.42 -6.05
CA LYS A 170 -6.04 -12.69 -6.35
C LYS A 170 -6.54 -12.81 -7.79
N ASP A 171 -7.10 -11.73 -8.35
CA ASP A 171 -7.62 -11.79 -9.72
C ASP A 171 -7.15 -10.72 -10.68
N SER A 172 -6.26 -9.83 -10.22
CA SER A 172 -5.69 -8.78 -11.05
C SER A 172 -6.65 -7.71 -11.58
N THR A 173 -7.80 -7.56 -10.94
CA THR A 173 -8.74 -6.53 -11.38
C THR A 173 -8.52 -5.28 -10.55
N TYR A 174 -9.25 -4.22 -10.92
CA TYR A 174 -9.20 -2.96 -10.21
C TYR A 174 -10.55 -2.71 -9.60
N SER A 175 -10.57 -1.80 -8.62
CA SER A 175 -11.79 -1.37 -7.98
C SER A 175 -11.59 0.14 -7.86
N LEU A 176 -12.68 0.90 -7.87
CA LEU A 176 -12.57 2.35 -7.81
C LEU A 176 -13.68 2.92 -6.98
N SER A 177 -13.36 3.94 -6.20
CA SER A 177 -14.34 4.61 -5.37
C SER A 177 -14.46 6.04 -5.86
N SER A 178 -15.69 6.53 -5.99
CA SER A 178 -15.93 7.91 -6.40
C SER A 178 -16.72 8.46 -5.23
N THR A 179 -16.14 9.44 -4.54
CA THR A 179 -16.80 10.03 -3.38
C THR A 179 -17.23 11.47 -3.62
N LEU A 180 -18.54 11.69 -3.52
CA LEU A 180 -19.16 13.00 -3.68
C LEU A 180 -19.27 13.56 -2.27
N THR A 181 -18.60 14.68 -2.01
CA THR A 181 -18.63 15.30 -0.69
C THR A 181 -19.46 16.58 -0.66
N LEU A 182 -20.42 16.63 0.26
CA LEU A 182 -21.32 17.77 0.39
C LEU A 182 -21.52 18.17 1.84
N SER A 183 -21.98 19.39 2.06
CA SER A 183 -22.27 19.83 3.42
C SER A 183 -23.57 19.11 3.74
N LYS A 184 -23.85 18.90 5.02
CA LYS A 184 -25.08 18.23 5.42
C LYS A 184 -26.27 18.99 4.85
N ALA A 185 -26.19 20.32 4.92
CA ALA A 185 -27.27 21.18 4.41
C ALA A 185 -27.57 20.89 2.94
N ASP A 186 -26.53 20.90 2.12
CA ASP A 186 -26.69 20.65 0.69
C ASP A 186 -27.19 19.23 0.37
N TYR A 187 -26.81 18.25 1.19
CA TYR A 187 -27.26 16.89 0.97
C TYR A 187 -28.76 16.80 1.29
N GLU A 188 -29.18 17.47 2.35
CA GLU A 188 -30.57 17.45 2.77
C GLU A 188 -31.47 18.19 1.77
N LYS A 189 -30.90 19.13 1.04
CA LYS A 189 -31.64 19.92 0.06
C LYS A 189 -32.00 19.18 -1.23
N HIS A 190 -31.28 18.11 -1.53
CA HIS A 190 -31.55 17.34 -2.74
C HIS A 190 -32.05 15.94 -2.40
N LYS A 191 -32.60 15.23 -3.38
CA LYS A 191 -33.14 13.90 -3.12
C LYS A 191 -32.52 12.73 -3.88
N VAL A 192 -32.40 12.87 -5.20
CA VAL A 192 -31.86 11.78 -6.00
C VAL A 192 -30.37 11.89 -6.32
N TYR A 193 -29.61 10.90 -5.85
CA TYR A 193 -28.17 10.86 -6.07
C TYR A 193 -27.84 9.70 -6.99
N ALA A 194 -27.36 10.02 -8.18
CA ALA A 194 -27.04 8.99 -9.17
C ALA A 194 -25.59 8.95 -9.58
N CYS A 195 -25.12 7.72 -9.75
CA CYS A 195 -23.75 7.45 -10.17
C CYS A 195 -23.84 6.77 -11.53
N GLU A 196 -23.26 7.40 -12.55
CA GLU A 196 -23.28 6.82 -13.89
C GLU A 196 -21.88 6.40 -14.29
N VAL A 197 -21.73 5.12 -14.64
CA VAL A 197 -20.40 4.64 -15.01
C VAL A 197 -20.34 4.04 -16.41
N THR A 198 -19.25 4.32 -17.10
CA THR A 198 -19.05 3.81 -18.44
C THR A 198 -17.77 2.96 -18.43
N HIS A 199 -17.90 1.72 -18.86
CA HIS A 199 -16.77 0.81 -18.90
C HIS A 199 -16.84 -0.13 -20.10
N GLN A 200 -15.69 -0.42 -20.65
CA GLN A 200 -15.52 -1.30 -21.80
C GLN A 200 -16.31 -2.62 -21.68
N GLY A 201 -16.30 -3.21 -20.49
CA GLY A 201 -16.99 -4.47 -20.27
C GLY A 201 -18.50 -4.36 -20.21
N LEU A 202 -18.99 -3.12 -20.18
CA LEU A 202 -20.43 -2.86 -20.13
C LEU A 202 -20.93 -2.47 -21.51
N SER A 203 -22.06 -3.04 -21.91
CA SER A 203 -22.64 -2.72 -23.22
C SER A 203 -22.98 -1.24 -23.28
N SER A 204 -23.69 -0.76 -22.26
CA SER A 204 -24.09 0.64 -22.21
C SER A 204 -23.80 1.18 -20.81
N PRO A 205 -23.74 2.52 -20.67
CA PRO A 205 -23.47 3.11 -19.36
C PRO A 205 -24.47 2.61 -18.32
N VAL A 206 -24.01 2.38 -17.10
CA VAL A 206 -24.90 1.93 -16.04
C VAL A 206 -25.09 3.05 -15.02
N THR A 207 -26.32 3.20 -14.54
CA THR A 207 -26.62 4.23 -13.56
C THR A 207 -27.13 3.58 -12.29
N LYS A 208 -26.49 3.91 -11.17
CA LYS A 208 -26.89 3.39 -9.87
C LYS A 208 -27.29 4.62 -9.06
N SER A 209 -28.45 4.58 -8.41
CA SER A 209 -28.90 5.72 -7.64
C SER A 209 -29.75 5.35 -6.45
N PHE A 210 -30.00 6.34 -5.61
CA PHE A 210 -30.84 6.16 -4.44
C PHE A 210 -31.57 7.48 -4.18
N ASN A 211 -32.70 7.37 -3.51
CA ASN A 211 -33.55 8.50 -3.15
C ASN A 211 -33.37 8.74 -1.64
N ARG A 212 -32.76 9.87 -1.28
CA ARG A 212 -32.52 10.18 0.12
C ARG A 212 -33.77 9.97 0.98
N GLY A 213 -34.94 10.18 0.39
CA GLY A 213 -36.18 10.00 1.14
C GLY A 213 -36.43 8.55 1.52
N GLU A 214 -36.13 7.63 0.61
CA GLU A 214 -36.34 6.21 0.84
C GLU A 214 -35.19 5.68 1.70
N CYS A 215 -34.26 6.56 2.03
CA CYS A 215 -33.08 6.23 2.84
C CYS A 215 -32.12 5.41 1.98
N GLY A 216 -31.57 4.35 2.55
CA GLY A 216 -30.65 3.52 1.80
C GLY A 216 -31.39 2.30 1.27
N ALA A 217 -32.37 1.85 2.05
CA ALA A 217 -33.18 0.69 1.68
C ALA A 217 -34.45 1.14 0.95
N GLY A 218 -35.51 0.35 1.05
CA GLY A 218 -36.75 0.70 0.38
C GLY A 218 -37.83 1.11 1.36
N ALA A 219 -37.57 2.16 2.12
CA ALA A 219 -38.53 2.67 3.11
C ALA A 219 -39.55 3.59 2.45
N VAL B 1 10.93 -15.41 9.14
CA VAL B 1 11.57 -14.20 8.53
C VAL B 1 10.65 -12.99 8.60
N GLN B 2 10.77 -12.24 9.69
CA GLN B 2 9.95 -11.03 9.90
C GLN B 2 10.65 -10.14 10.91
N LEU B 3 11.35 -9.12 10.44
CA LEU B 3 12.05 -8.19 11.33
C LEU B 3 11.02 -7.23 11.92
N GLN B 4 11.22 -6.79 13.16
CA GLN B 4 10.28 -5.87 13.79
C GLN B 4 10.79 -4.44 13.78
N GLN B 5 9.93 -3.50 13.42
CA GLN B 5 10.33 -2.09 13.40
C GLN B 5 9.34 -1.22 14.18
N SER B 6 9.83 -0.12 14.75
CA SER B 6 8.99 0.78 15.52
C SER B 6 7.91 1.35 14.60
N GLY B 7 6.83 1.85 15.20
CA GLY B 7 5.72 2.39 14.43
C GLY B 7 5.91 3.73 13.75
N PRO B 8 4.93 4.17 12.94
CA PRO B 8 4.97 5.45 12.22
C PRO B 8 4.95 6.64 13.17
N VAL B 9 5.56 7.73 12.74
CA VAL B 9 5.61 8.90 13.60
C VAL B 9 5.49 10.22 12.84
N LEU B 10 4.92 11.20 13.53
CA LEU B 10 4.79 12.56 13.00
C LEU B 10 5.80 13.35 13.79
N VAL B 11 6.61 14.14 13.10
CA VAL B 11 7.63 14.94 13.77
C VAL B 11 7.66 16.31 13.11
N LYS B 12 7.86 17.34 13.92
CA LYS B 12 7.91 18.70 13.41
C LYS B 12 9.23 18.99 12.70
N PRO B 13 9.22 19.91 11.72
CA PRO B 13 10.43 20.28 10.99
C PRO B 13 11.48 20.80 11.97
N GLY B 14 12.74 20.56 11.68
CA GLY B 14 13.82 21.03 12.54
C GLY B 14 14.12 20.07 13.69
N GLY B 15 13.23 19.10 13.91
CA GLY B 15 13.43 18.15 14.98
C GLY B 15 14.24 16.93 14.59
N SER B 16 14.10 15.86 15.36
CA SER B 16 14.83 14.64 15.07
C SER B 16 13.93 13.46 15.36
N VAL B 17 14.35 12.28 14.90
CA VAL B 17 13.56 11.08 15.13
C VAL B 17 14.50 9.88 15.22
N LYS B 18 14.17 8.94 16.09
CA LYS B 18 14.98 7.76 16.24
C LYS B 18 14.05 6.55 16.12
N MET B 19 14.35 5.66 15.18
CA MET B 19 13.53 4.47 14.98
C MET B 19 14.34 3.22 15.28
N SER B 20 13.66 2.11 15.56
CA SER B 20 14.37 0.89 15.91
C SER B 20 14.02 -0.29 15.01
N CYS B 21 14.89 -1.30 15.09
CA CYS B 21 14.74 -2.52 14.31
C CYS B 21 15.36 -3.67 15.08
N LYS B 22 14.59 -4.73 15.26
CA LYS B 22 15.09 -5.89 15.99
C LYS B 22 14.51 -7.18 15.44
N ALA B 23 15.25 -8.27 15.60
CA ALA B 23 14.81 -9.58 15.14
C ALA B 23 13.66 -10.07 16.00
N SER B 24 12.81 -10.92 15.44
CA SER B 24 11.68 -11.46 16.18
C SER B 24 12.14 -12.68 16.98
N GLU B 25 13.44 -12.99 16.88
CA GLU B 25 14.05 -14.11 17.59
C GLU B 25 15.40 -13.70 18.18
N TYR B 26 15.85 -14.41 19.21
CA TYR B 26 17.13 -14.10 19.85
C TYR B 26 18.25 -14.05 18.83
N THR B 27 18.15 -14.90 17.81
CA THR B 27 19.13 -14.96 16.73
C THR B 27 20.57 -15.15 17.21
N LEU B 28 21.17 -14.05 17.65
CA LEU B 28 22.56 -14.05 18.12
C LEU B 28 23.52 -14.11 16.94
N THR B 29 24.77 -14.44 17.21
CA THR B 29 25.79 -14.53 16.17
C THR B 29 25.99 -13.15 15.51
N SER B 30 27.11 -13.00 14.81
CA SER B 30 27.44 -11.74 14.16
C SER B 30 26.65 -11.47 12.87
N TYR B 31 25.87 -10.40 12.89
CA TYR B 31 25.08 -10.00 11.73
C TYR B 31 25.21 -8.50 11.54
N LEU B 32 24.87 -8.02 10.35
CA LEU B 32 24.96 -6.60 10.06
C LEU B 32 23.57 -6.07 9.71
N PHE B 33 23.28 -4.83 10.11
CA PHE B 33 21.97 -4.22 9.82
C PHE B 33 22.10 -3.16 8.74
N GLN B 34 21.41 -3.38 7.63
CA GLN B 34 21.41 -2.44 6.51
C GLN B 34 20.11 -1.62 6.56
N TRP B 35 20.22 -0.32 6.29
CA TRP B 35 19.02 0.53 6.30
C TRP B 35 18.76 1.12 4.93
N VAL B 36 17.49 1.27 4.60
CA VAL B 36 17.05 1.74 3.29
C VAL B 36 15.93 2.77 3.38
N LYS B 37 15.96 3.78 2.52
CA LYS B 37 14.94 4.83 2.49
C LYS B 37 14.10 4.79 1.21
N GLN B 38 12.81 5.10 1.33
CA GLN B 38 11.93 5.12 0.17
C GLN B 38 10.86 6.21 0.24
N LYS B 39 10.97 7.21 -0.64
CA LYS B 39 9.96 8.26 -0.67
C LYS B 39 8.73 7.65 -1.33
N SER B 40 7.56 8.17 -0.99
CA SER B 40 6.33 7.63 -1.55
C SER B 40 6.35 7.62 -3.08
N GLY B 41 6.06 6.46 -3.65
CA GLY B 41 6.03 6.32 -5.09
C GLY B 41 7.37 6.24 -5.78
N GLN B 42 8.45 6.41 -5.01
CA GLN B 42 9.79 6.38 -5.58
C GLN B 42 10.54 5.08 -5.32
N GLY B 43 11.82 5.06 -5.72
CA GLY B 43 12.64 3.88 -5.55
C GLY B 43 13.33 3.74 -4.20
N LEU B 44 14.18 2.72 -4.08
CA LEU B 44 14.90 2.44 -2.85
C LEU B 44 16.27 3.10 -2.87
N GLU B 45 16.70 3.55 -1.71
CA GLU B 45 17.98 4.20 -1.55
C GLU B 45 18.65 3.68 -0.29
N TRP B 46 19.93 3.29 -0.40
CA TRP B 46 20.67 2.77 0.73
C TRP B 46 21.07 3.91 1.66
N ILE B 47 20.86 3.74 2.96
CA ILE B 47 21.22 4.77 3.92
C ILE B 47 22.58 4.47 4.54
N GLY B 48 22.76 3.25 5.00
CA GLY B 48 24.02 2.84 5.60
C GLY B 48 23.89 1.56 6.37
N TYR B 49 24.95 1.19 7.10
CA TYR B 49 24.92 -0.02 7.94
C TYR B 49 25.49 0.24 9.33
N ILE B 50 25.19 -0.67 10.25
CA ILE B 50 25.71 -0.61 11.61
C ILE B 50 26.09 -2.08 11.87
N TYR B 51 27.35 -2.29 12.25
CA TYR B 51 27.89 -3.62 12.50
C TYR B 51 28.08 -3.82 14.01
N PRO B 52 27.09 -4.42 14.68
CA PRO B 52 27.13 -4.67 16.13
C PRO B 52 28.45 -5.22 16.66
N TYR B 53 29.05 -6.14 15.92
CA TYR B 53 30.31 -6.76 16.33
C TYR B 53 31.37 -5.75 16.78
N ASN B 54 31.66 -4.76 15.94
CA ASN B 54 32.68 -3.77 16.27
C ASN B 54 32.17 -2.33 16.32
N GLY B 55 30.86 -2.15 16.19
CA GLY B 55 30.30 -0.80 16.23
C GLY B 55 30.57 -0.02 14.96
N GLY B 56 31.11 -0.70 13.95
CA GLY B 56 31.39 -0.04 12.70
C GLY B 56 30.14 0.47 12.00
N THR B 57 30.28 1.62 11.32
CA THR B 57 29.17 2.23 10.58
C THR B 57 29.66 2.81 9.27
N ARG B 58 28.76 2.92 8.31
CA ARG B 58 29.08 3.52 7.03
C ARG B 58 27.80 4.13 6.49
N TYR B 59 27.90 5.34 5.93
CA TYR B 59 26.72 6.04 5.41
C TYR B 59 26.82 6.52 3.98
N ASN B 60 25.69 6.51 3.30
CA ASN B 60 25.57 7.01 1.94
C ASN B 60 25.84 8.51 2.03
N GLU B 61 26.73 9.02 1.17
CA GLU B 61 27.08 10.45 1.18
C GLU B 61 25.88 11.39 1.04
N LYS B 62 24.85 10.92 0.36
CA LYS B 62 23.65 11.71 0.14
C LYS B 62 22.95 12.22 1.39
N PHE B 63 23.14 11.55 2.51
CA PHE B 63 22.48 11.99 3.73
C PHE B 63 23.23 13.09 4.49
N ARG B 64 24.31 13.58 3.89
CA ARG B 64 25.13 14.65 4.47
C ARG B 64 25.35 14.54 5.98
N GLY B 65 25.59 13.32 6.47
CA GLY B 65 25.83 13.14 7.89
C GLY B 65 24.62 13.33 8.80
N LYS B 66 23.44 13.41 8.23
CA LYS B 66 22.21 13.58 9.00
C LYS B 66 21.71 12.28 9.62
N ALA B 67 22.25 11.15 9.18
CA ALA B 67 21.83 9.88 9.73
C ALA B 67 22.90 9.28 10.66
N THR B 68 22.46 8.78 11.81
CA THR B 68 23.36 8.15 12.76
C THR B 68 22.80 6.77 13.08
N LEU B 69 23.65 5.75 12.93
CA LEU B 69 23.24 4.38 13.19
C LEU B 69 23.94 3.87 14.45
N THR B 70 23.18 3.23 15.34
CA THR B 70 23.75 2.68 16.55
C THR B 70 23.06 1.36 16.85
N SER B 71 23.58 0.61 17.82
CA SER B 71 22.94 -0.66 18.17
C SER B 71 23.18 -1.04 19.61
N ASP B 72 22.30 -1.89 20.12
CA ASP B 72 22.42 -2.38 21.49
C ASP B 72 22.54 -3.89 21.40
N LYS B 73 23.72 -4.39 21.74
CA LYS B 73 23.99 -5.83 21.69
C LYS B 73 23.02 -6.65 22.54
N SER B 74 22.79 -6.21 23.76
CA SER B 74 21.91 -6.90 24.71
C SER B 74 20.51 -7.20 24.17
N SER B 75 19.92 -6.22 23.47
CA SER B 75 18.58 -6.38 22.92
C SER B 75 18.58 -6.74 21.44
N ASN B 76 19.76 -6.84 20.86
CA ASN B 76 19.88 -7.17 19.44
C ASN B 76 19.07 -6.16 18.63
N THR B 77 19.11 -4.90 19.05
CA THR B 77 18.34 -3.85 18.37
C THR B 77 19.25 -2.81 17.72
N ALA B 78 18.87 -2.38 16.52
CA ALA B 78 19.61 -1.37 15.79
C ALA B 78 18.74 -0.12 15.74
N TYR B 79 19.37 1.05 15.75
CA TYR B 79 18.63 2.31 15.74
C TYR B 79 19.12 3.23 14.64
N LEU B 80 18.19 3.99 14.08
CA LEU B 80 18.49 4.98 13.05
C LEU B 80 17.95 6.31 13.54
N GLU B 81 18.84 7.28 13.70
CA GLU B 81 18.42 8.60 14.15
C GLU B 81 18.68 9.60 13.03
N LEU B 82 17.66 10.38 12.70
CA LEU B 82 17.76 11.39 11.65
C LEU B 82 17.66 12.75 12.35
N SER B 83 18.52 13.69 11.95
CA SER B 83 18.55 15.00 12.58
C SER B 83 18.07 16.15 11.70
N SER B 84 17.81 17.28 12.35
CA SER B 84 17.39 18.52 11.70
C SER B 84 16.47 18.20 10.53
N LEU B 85 15.34 17.58 10.84
CA LEU B 85 14.39 17.13 9.85
C LEU B 85 13.75 18.17 8.91
N THR B 86 13.62 17.75 7.65
CA THR B 86 13.01 18.55 6.61
C THR B 86 12.00 17.63 5.92
N SER B 87 11.20 18.17 5.02
CA SER B 87 10.21 17.38 4.30
C SER B 87 10.91 16.27 3.51
N GLU B 88 12.18 16.49 3.19
CA GLU B 88 12.95 15.51 2.44
C GLU B 88 13.00 14.20 3.23
N ASP B 89 12.86 14.31 4.55
CA ASP B 89 12.90 13.17 5.44
C ASP B 89 11.60 12.38 5.57
N SER B 90 10.52 12.90 5.00
CA SER B 90 9.25 12.18 5.05
C SER B 90 9.38 11.02 4.08
N ALA B 91 9.31 9.80 4.61
CA ALA B 91 9.46 8.61 3.78
C ALA B 91 9.30 7.36 4.63
N VAL B 92 9.44 6.20 4.00
CA VAL B 92 9.36 4.95 4.73
C VAL B 92 10.80 4.48 4.88
N TYR B 93 11.13 3.97 6.05
CA TYR B 93 12.49 3.49 6.27
C TYR B 93 12.46 2.01 6.58
N TYR B 94 13.35 1.27 5.94
CA TYR B 94 13.44 -0.18 6.15
C TYR B 94 14.79 -0.60 6.72
N CYS B 95 14.79 -1.74 7.38
CA CYS B 95 16.04 -2.31 7.89
C CYS B 95 16.07 -3.75 7.40
N ALA B 96 17.26 -4.22 7.08
CA ALA B 96 17.47 -5.60 6.63
C ALA B 96 18.67 -6.15 7.39
N ARG B 97 18.66 -7.45 7.68
CA ARG B 97 19.76 -8.06 8.40
C ARG B 97 20.48 -8.96 7.42
N SER B 98 21.81 -8.84 7.35
CA SER B 98 22.62 -9.64 6.43
C SER B 98 23.82 -10.29 7.09
N SER B 99 24.67 -10.93 6.29
CA SER B 99 25.88 -11.61 6.75
C SER B 99 25.60 -13.04 7.22
N MET B 100 24.75 -13.18 8.24
CA MET B 100 24.40 -14.50 8.77
C MET B 100 23.66 -15.32 7.72
N SER B 101 24.28 -16.42 7.28
CA SER B 101 23.70 -17.29 6.26
C SER B 101 23.63 -16.50 4.96
N ASP B 102 22.74 -15.51 4.95
CA ASP B 102 22.53 -14.63 3.80
C ASP B 102 23.48 -13.45 3.98
N PRO B 103 23.37 -12.38 3.17
CA PRO B 103 22.67 -11.74 2.07
C PRO B 103 21.22 -11.33 2.19
N GLY B 104 21.00 -10.11 2.69
CA GLY B 104 19.67 -9.54 2.85
C GLY B 104 18.62 -10.56 3.24
N ALA B 105 18.96 -11.36 4.25
CA ALA B 105 18.11 -12.43 4.77
C ALA B 105 16.69 -12.05 5.15
N ASN B 106 16.55 -11.10 6.06
CA ASN B 106 15.24 -10.69 6.50
C ASN B 106 15.07 -9.19 6.36
N TRP B 107 13.82 -8.77 6.17
CA TRP B 107 13.49 -7.36 6.05
C TRP B 107 12.44 -6.98 7.09
N GLY B 108 12.48 -5.73 7.52
CA GLY B 108 11.49 -5.23 8.45
C GLY B 108 10.33 -4.74 7.60
N PRO B 109 9.20 -4.37 8.21
CA PRO B 109 8.02 -3.89 7.48
C PRO B 109 8.14 -2.45 7.00
N GLY B 110 9.06 -1.71 7.59
CA GLY B 110 9.25 -0.32 7.23
C GLY B 110 8.57 0.58 8.26
N THR B 111 9.13 1.77 8.45
CA THR B 111 8.60 2.74 9.41
C THR B 111 8.30 4.03 8.63
N LEU B 112 7.04 4.46 8.63
CA LEU B 112 6.70 5.68 7.89
C LEU B 112 6.84 6.93 8.75
N VAL B 113 7.76 7.79 8.36
CA VAL B 113 8.00 9.04 9.07
C VAL B 113 7.41 10.20 8.26
N THR B 114 6.67 11.06 8.94
CA THR B 114 6.08 12.21 8.30
C THR B 114 6.55 13.46 9.03
N VAL B 115 7.20 14.36 8.30
CA VAL B 115 7.70 15.63 8.88
C VAL B 115 6.67 16.72 8.54
N SER B 116 6.07 17.30 9.57
CA SER B 116 5.05 18.31 9.34
C SER B 116 4.74 19.20 10.54
N SER B 117 4.27 20.41 10.25
CA SER B 117 3.91 21.37 11.29
C SER B 117 2.48 21.08 11.76
N ALA B 118 1.73 20.33 10.97
CA ALA B 118 0.35 19.99 11.31
C ALA B 118 0.34 19.00 12.49
N SER B 119 -0.75 19.01 13.26
CA SER B 119 -0.84 18.12 14.41
C SER B 119 -1.50 16.79 14.07
N THR B 120 -1.24 15.78 14.89
CA THR B 120 -1.85 14.49 14.64
C THR B 120 -3.35 14.54 14.87
N LYS B 121 -4.09 13.72 14.13
CA LYS B 121 -5.54 13.67 14.28
C LYS B 121 -6.05 12.27 13.95
N GLY B 122 -6.77 11.66 14.90
CA GLY B 122 -7.31 10.33 14.70
C GLY B 122 -8.51 10.35 13.75
N PRO B 123 -8.77 9.26 13.03
CA PRO B 123 -9.90 9.22 12.09
C PRO B 123 -11.25 8.98 12.74
N SER B 124 -12.30 9.35 12.01
CA SER B 124 -13.66 9.11 12.44
C SER B 124 -13.97 7.93 11.51
N VAL B 125 -14.65 6.91 12.03
CA VAL B 125 -14.95 5.76 11.18
C VAL B 125 -16.45 5.61 11.02
N PHE B 126 -16.91 5.78 9.79
CA PHE B 126 -18.33 5.68 9.47
C PHE B 126 -18.61 4.42 8.66
N PRO B 127 -19.79 3.82 8.87
CA PRO B 127 -20.12 2.61 8.13
C PRO B 127 -20.64 2.86 6.73
N LEU B 128 -20.35 1.93 5.83
CA LEU B 128 -20.85 1.97 4.47
C LEU B 128 -21.73 0.73 4.54
N ALA B 129 -22.94 0.91 5.05
CA ALA B 129 -23.88 -0.17 5.25
C ALA B 129 -24.38 -0.88 3.99
N PRO B 130 -24.52 -2.21 4.06
CA PRO B 130 -25.00 -2.97 2.92
C PRO B 130 -26.52 -2.78 2.80
N SER B 131 -27.01 -2.71 1.56
CA SER B 131 -28.44 -2.54 1.30
C SER B 131 -28.72 -3.09 -0.09
N SER B 132 -29.96 -2.94 -0.55
CA SER B 132 -30.29 -3.44 -1.89
C SER B 132 -29.51 -2.64 -2.93
N LYS B 133 -29.08 -1.43 -2.57
CA LYS B 133 -28.31 -0.58 -3.48
C LYS B 133 -26.84 -1.00 -3.58
N SER B 134 -26.43 -1.96 -2.75
CA SER B 134 -25.05 -2.45 -2.78
C SER B 134 -25.05 -3.97 -2.83
N THR B 135 -26.17 -4.53 -3.28
CA THR B 135 -26.32 -5.98 -3.37
C THR B 135 -26.68 -6.41 -4.79
N SER B 136 -25.97 -7.43 -5.28
CA SER B 136 -26.20 -7.97 -6.61
C SER B 136 -26.03 -9.48 -6.50
N GLY B 137 -27.02 -10.22 -7.00
CA GLY B 137 -26.96 -11.67 -6.87
C GLY B 137 -27.03 -11.94 -5.39
N GLY B 138 -26.31 -12.95 -4.91
CA GLY B 138 -26.34 -13.24 -3.49
C GLY B 138 -25.17 -12.59 -2.79
N THR B 139 -24.63 -11.54 -3.41
CA THR B 139 -23.48 -10.84 -2.85
C THR B 139 -23.72 -9.38 -2.46
N ALA B 140 -23.37 -9.05 -1.22
CA ALA B 140 -23.52 -7.69 -0.70
C ALA B 140 -22.16 -7.01 -0.49
N ALA B 141 -22.11 -5.71 -0.77
CA ALA B 141 -20.88 -4.93 -0.58
C ALA B 141 -21.13 -4.06 0.63
N LEU B 142 -20.10 -3.90 1.46
CA LEU B 142 -20.20 -3.07 2.65
C LEU B 142 -18.81 -2.54 2.94
N GLY B 143 -18.71 -1.57 3.85
CA GLY B 143 -17.39 -1.06 4.15
C GLY B 143 -17.35 -0.04 5.25
N CYS B 144 -16.21 0.63 5.35
CA CYS B 144 -15.99 1.66 6.34
C CYS B 144 -15.28 2.82 5.69
N LEU B 145 -15.74 4.02 6.03
CA LEU B 145 -15.15 5.24 5.54
C LEU B 145 -14.28 5.70 6.72
N VAL B 146 -12.97 5.83 6.47
CA VAL B 146 -12.00 6.25 7.47
C VAL B 146 -11.67 7.68 7.08
N LYS B 147 -12.37 8.62 7.72
CA LYS B 147 -12.29 10.04 7.40
C LYS B 147 -11.54 10.99 8.34
N ASP B 148 -10.89 11.98 7.72
CA ASP B 148 -10.17 13.05 8.40
C ASP B 148 -9.13 12.67 9.46
N TYR B 149 -8.01 12.13 9.00
CA TYR B 149 -6.94 11.77 9.91
C TYR B 149 -5.64 12.34 9.36
N PHE B 150 -4.65 12.43 10.23
CA PHE B 150 -3.34 12.92 9.85
C PHE B 150 -2.31 12.52 10.89
N PRO B 151 -1.12 12.04 10.44
CA PRO B 151 -0.71 11.88 9.04
C PRO B 151 -1.03 10.44 8.64
N GLU B 152 -0.38 9.97 7.58
CA GLU B 152 -0.56 8.58 7.19
C GLU B 152 0.35 7.83 8.15
N PRO B 153 0.15 6.52 8.31
CA PRO B 153 -0.85 5.67 7.67
C PRO B 153 -1.90 5.15 8.64
N VAL B 154 -2.92 4.52 8.09
CA VAL B 154 -3.96 3.89 8.89
C VAL B 154 -3.99 2.47 8.37
N THR B 155 -4.35 1.53 9.23
CA THR B 155 -4.47 0.14 8.80
C THR B 155 -5.93 -0.26 8.99
N VAL B 156 -6.42 -1.09 8.09
CA VAL B 156 -7.79 -1.54 8.17
C VAL B 156 -7.83 -3.03 8.00
N SER B 157 -8.50 -3.69 8.94
CA SER B 157 -8.67 -5.13 8.88
C SER B 157 -10.17 -5.39 9.03
N TRP B 158 -10.60 -6.58 8.64
CA TRP B 158 -11.99 -6.95 8.78
C TRP B 158 -12.09 -8.20 9.63
N ASN B 159 -12.91 -8.11 10.68
CA ASN B 159 -13.12 -9.23 11.60
C ASN B 159 -11.81 -9.77 12.16
N SER B 160 -10.97 -8.85 12.65
CA SER B 160 -9.68 -9.21 13.23
C SER B 160 -8.77 -9.98 12.28
N GLY B 161 -8.96 -9.77 10.98
CA GLY B 161 -8.15 -10.44 9.98
C GLY B 161 -8.74 -11.72 9.42
N ALA B 162 -9.86 -12.16 9.99
CA ALA B 162 -10.52 -13.38 9.54
C ALA B 162 -11.13 -13.24 8.14
N LEU B 163 -11.35 -12.01 7.71
CA LEU B 163 -11.93 -11.74 6.40
C LEU B 163 -10.88 -10.99 5.58
N THR B 164 -10.41 -11.61 4.51
CA THR B 164 -9.36 -11.01 3.67
C THR B 164 -9.74 -11.03 2.20
N SER B 165 -10.42 -12.10 1.80
CA SER B 165 -10.86 -12.26 0.43
C SER B 165 -11.89 -11.20 0.06
N GLY B 166 -11.65 -10.50 -1.04
CA GLY B 166 -12.59 -9.49 -1.48
C GLY B 166 -12.42 -8.13 -0.83
N VAL B 167 -11.47 -8.01 0.09
CA VAL B 167 -11.26 -6.72 0.73
C VAL B 167 -10.46 -5.80 -0.19
N HIS B 168 -10.93 -4.56 -0.32
CA HIS B 168 -10.26 -3.55 -1.14
C HIS B 168 -10.12 -2.30 -0.29
N THR B 169 -8.90 -1.96 0.06
CA THR B 169 -8.68 -0.76 0.87
C THR B 169 -8.03 0.25 -0.04
N PHE B 170 -8.75 1.33 -0.31
CA PHE B 170 -8.26 2.36 -1.23
C PHE B 170 -7.16 3.25 -0.71
N PRO B 171 -6.35 3.78 -1.64
CA PRO B 171 -5.24 4.68 -1.33
C PRO B 171 -5.83 5.93 -0.67
N ALA B 172 -5.16 6.43 0.35
CA ALA B 172 -5.64 7.62 1.04
C ALA B 172 -5.57 8.79 0.08
N VAL B 173 -6.47 9.75 0.25
CA VAL B 173 -6.50 10.93 -0.58
C VAL B 173 -6.43 12.14 0.34
N LEU B 174 -5.63 13.13 -0.05
CA LEU B 174 -5.51 14.34 0.74
C LEU B 174 -6.64 15.26 0.35
N GLN B 175 -7.47 15.60 1.32
CA GLN B 175 -8.61 16.47 1.09
C GLN B 175 -8.20 17.93 1.14
N SER B 176 -9.13 18.80 0.75
CA SER B 176 -8.87 20.24 0.74
C SER B 176 -8.63 20.77 2.14
N SER B 177 -8.96 19.95 3.14
CA SER B 177 -8.79 20.33 4.54
C SER B 177 -7.39 20.02 5.05
N GLY B 178 -6.62 19.24 4.28
CA GLY B 178 -5.28 18.89 4.69
C GLY B 178 -5.28 17.61 5.50
N LEU B 179 -6.42 16.94 5.52
CA LEU B 179 -6.56 15.68 6.24
C LEU B 179 -6.77 14.59 5.21
N TYR B 180 -6.44 13.36 5.58
CA TYR B 180 -6.60 12.21 4.70
C TYR B 180 -7.91 11.49 4.92
N SER B 181 -8.37 10.80 3.88
CA SER B 181 -9.59 10.01 3.97
C SER B 181 -9.45 8.84 3.01
N LEU B 182 -10.13 7.74 3.33
CA LEU B 182 -10.12 6.57 2.48
C LEU B 182 -11.26 5.64 2.90
N SER B 183 -11.61 4.71 2.03
CA SER B 183 -12.65 3.73 2.32
C SER B 183 -12.05 2.34 2.16
N SER B 184 -12.61 1.38 2.88
CA SER B 184 -12.20 -0.01 2.79
C SER B 184 -13.53 -0.71 2.56
N VAL B 185 -13.62 -1.49 1.48
CA VAL B 185 -14.85 -2.20 1.16
C VAL B 185 -14.59 -3.71 1.02
N VAL B 186 -15.66 -4.48 1.13
CA VAL B 186 -15.56 -5.92 1.03
C VAL B 186 -16.91 -6.48 0.60
N THR B 187 -16.88 -7.58 -0.14
CA THR B 187 -18.11 -8.21 -0.58
C THR B 187 -18.30 -9.47 0.26
N VAL B 188 -19.54 -9.70 0.68
CA VAL B 188 -19.88 -10.86 1.51
C VAL B 188 -21.21 -11.45 1.09
N PRO B 189 -21.52 -12.67 1.55
CA PRO B 189 -22.77 -13.35 1.22
C PRO B 189 -23.96 -12.53 1.69
N SER B 190 -24.92 -12.30 0.80
CA SER B 190 -26.10 -11.54 1.15
C SER B 190 -26.90 -12.26 2.25
N SER B 191 -26.87 -13.59 2.23
CA SER B 191 -27.60 -14.39 3.22
C SER B 191 -26.95 -14.42 4.60
N SER B 192 -25.69 -14.00 4.69
CA SER B 192 -24.96 -14.02 5.95
C SER B 192 -25.25 -12.81 6.83
N LEU B 193 -25.74 -11.73 6.21
CA LEU B 193 -26.02 -10.49 6.91
C LEU B 193 -26.85 -10.61 8.19
N GLY B 194 -27.74 -11.60 8.24
CA GLY B 194 -28.56 -11.75 9.42
C GLY B 194 -27.88 -12.49 10.57
N THR B 195 -26.89 -13.30 10.25
CA THR B 195 -26.18 -14.06 11.26
C THR B 195 -24.76 -13.61 11.54
N GLN B 196 -23.97 -13.45 10.47
CA GLN B 196 -22.58 -13.05 10.60
C GLN B 196 -22.35 -11.57 10.84
N THR B 197 -21.44 -11.26 11.76
CA THR B 197 -21.09 -9.89 12.08
C THR B 197 -19.90 -9.48 11.23
N TYR B 198 -19.85 -8.20 10.84
CA TYR B 198 -18.76 -7.67 10.04
C TYR B 198 -18.30 -6.40 10.73
N ILE B 199 -17.04 -6.40 11.16
CA ILE B 199 -16.47 -5.28 11.88
C ILE B 199 -15.15 -4.84 11.28
N CYS B 200 -15.00 -3.54 11.01
CA CYS B 200 -13.72 -3.06 10.49
C CYS B 200 -12.87 -2.57 11.67
N ASN B 201 -11.63 -3.04 11.72
CA ASN B 201 -10.68 -2.69 12.77
C ASN B 201 -9.72 -1.68 12.18
N VAL B 202 -9.86 -0.43 12.62
CA VAL B 202 -9.04 0.65 12.14
C VAL B 202 -7.99 1.07 13.16
N ASN B 203 -6.75 1.16 12.73
CA ASN B 203 -5.67 1.58 13.61
C ASN B 203 -4.93 2.77 13.02
N HIS B 204 -4.75 3.80 13.83
CA HIS B 204 -4.01 4.98 13.41
C HIS B 204 -2.96 5.18 14.49
N LYS B 205 -1.82 4.50 14.33
CA LYS B 205 -0.74 4.57 15.31
C LYS B 205 -0.19 5.96 15.63
N PRO B 206 -0.15 6.88 14.65
CA PRO B 206 0.37 8.22 14.94
C PRO B 206 -0.42 8.98 16.01
N SER B 207 -1.70 8.65 16.17
CA SER B 207 -2.53 9.32 17.17
C SER B 207 -2.90 8.36 18.28
N ASN B 208 -2.31 7.16 18.24
CA ASN B 208 -2.57 6.12 19.23
C ASN B 208 -4.05 5.77 19.32
N THR B 209 -4.73 5.81 18.18
CA THR B 209 -6.15 5.51 18.15
C THR B 209 -6.45 4.20 17.47
N LYS B 210 -7.44 3.49 18.00
CA LYS B 210 -7.88 2.22 17.43
C LYS B 210 -9.40 2.17 17.58
N VAL B 211 -10.09 1.97 16.48
CA VAL B 211 -11.54 1.90 16.53
C VAL B 211 -12.02 0.63 15.82
N ASP B 212 -13.07 0.03 16.37
CA ASP B 212 -13.68 -1.15 15.80
C ASP B 212 -15.10 -0.70 15.56
N LYS B 213 -15.55 -0.75 14.31
CA LYS B 213 -16.90 -0.31 13.99
C LYS B 213 -17.70 -1.43 13.35
N LYS B 214 -18.80 -1.80 13.99
CA LYS B 214 -19.67 -2.86 13.47
C LYS B 214 -20.53 -2.24 12.37
N VAL B 215 -20.55 -2.87 11.21
CA VAL B 215 -21.31 -2.37 10.09
C VAL B 215 -22.64 -3.12 9.94
N GLU B 216 -23.73 -2.44 10.28
CA GLU B 216 -25.08 -3.01 10.21
C GLU B 216 -25.77 -2.77 8.88
N PRO B 217 -26.61 -3.73 8.45
CA PRO B 217 -27.34 -3.58 7.19
C PRO B 217 -28.27 -2.37 7.25
#